data_7OEH
#
_entry.id   7OEH
#
_cell.length_a   64.150
_cell.length_b   64.150
_cell.length_c   225.840
_cell.angle_alpha   90.000
_cell.angle_beta   90.000
_cell.angle_gamma   120.000
#
_symmetry.space_group_name_H-M   'P 32 2 1'
#
loop_
_entity.id
_entity.type
_entity.pdbx_description
1 polymer 'N6-adenosine-methyltransferase catalytic subunit'
2 polymer 'N6-adenosine-methyltransferase non-catalytic subunit'
3 non-polymer 4-[[(3S)-3-cyclopropyl-2-azaspiro[3.3]heptan-2-yl]methyl]-N-[[(3S)-3-oxidanyl-1-[6-[(phenylmethyl)amino]pyrimidin-4-yl]piperidin-3-yl]methyl]benzamide
4 non-polymer 'ACETATE ION'
5 water water
#
loop_
_entity_poly.entity_id
_entity_poly.type
_entity_poly.pdbx_seq_one_letter_code
_entity_poly.pdbx_strand_id
1 'polypeptide(L)'
;MGHHHHHHSSGRENLYFQGALTQSVGGDSSADRLFPPQWICCDIRYLDVSILGKFAVVMADPPWDIHMELPYGTLTDDEM
RRLNIPVLQDDGFLFLWVTGRAMELGRECLNLWGYERVDEIIWVKTNQLQRIIRTGRTGHWLNHGKEHCLVGVKGNPQGF
NQGLDCDVIVAEVRSTSHKPDEIYGMIERLSPGTRKIELFGRPHNVQPNWITLGNQLDGIHLLDPDVVARFKQRYPDGII
SKPKNL
;
A
2 'polypeptide(L)'
;MLKGTQSLNPHNDYCQHFVDTGHRPQNFIRDVGLADRFEEYPKLRELIRLKDELIAKSNTPPMYLQADIEAFDIRELTPK
FDVILLEPPLEEYYRETGITANEKCWTWDDIMKLEIDEIAAPRSFIFLWCGSGEGLDLGRVCLRKWGYRRCEDICWIKTN
KNNPGKTKTLDPKAVFQRTKEHCLMGIKGTVKRSTDGDFIHANVDIDLIITEEPEIGNIEKPVEIFHIIEHFCLGRRRLH
LFGRDSTIRPGWLTVGPTLTNSNYNAETYASYFSAPNSYLTGCTEEIERL
;
B
#
# COMPACT_ATOMS: atom_id res chain seq x y z
N LEU A 34 29.54 -13.83 12.89
CA LEU A 34 30.64 -13.02 12.42
C LEU A 34 30.15 -11.74 11.73
N PHE A 35 30.02 -10.68 12.54
CA PHE A 35 29.51 -9.35 12.22
C PHE A 35 29.82 -8.80 10.83
N PRO A 36 31.03 -8.91 10.27
CA PRO A 36 31.33 -8.20 8.98
C PRO A 36 30.54 -8.75 7.82
N PRO A 37 30.43 -8.00 6.71
CA PRO A 37 29.58 -8.44 5.58
C PRO A 37 30.02 -9.79 5.03
N GLN A 38 29.04 -10.58 4.62
CA GLN A 38 29.26 -11.86 3.97
C GLN A 38 28.30 -11.96 2.79
N TRP A 39 28.69 -12.72 1.77
CA TRP A 39 27.84 -12.86 0.60
C TRP A 39 28.11 -14.20 -0.11
N ILE A 40 27.20 -14.56 -0.99
CA ILE A 40 27.27 -15.76 -1.80
C ILE A 40 26.72 -15.42 -3.17
N CYS A 41 27.57 -15.42 -4.19
CA CYS A 41 27.08 -15.36 -5.56
C CYS A 41 26.40 -16.68 -5.91
N CYS A 42 25.16 -16.62 -6.35
CA CYS A 42 24.41 -17.84 -6.61
C CYS A 42 23.11 -17.47 -7.31
N ASP A 43 22.44 -18.50 -7.81
CA ASP A 43 21.04 -18.42 -8.19
C ASP A 43 20.22 -18.87 -6.99
N ILE A 44 19.37 -17.98 -6.47
CA ILE A 44 18.64 -18.32 -5.25
C ILE A 44 17.66 -19.48 -5.46
N ARG A 45 17.28 -19.76 -6.72
CA ARG A 45 16.45 -20.93 -7.00
C ARG A 45 17.16 -22.24 -6.64
N TYR A 46 18.48 -22.30 -6.77
CA TYR A 46 19.21 -23.56 -6.68
C TYR A 46 20.07 -23.71 -5.43
N LEU A 47 20.43 -22.62 -4.76
CA LEU A 47 21.20 -22.74 -3.53
C LEU A 47 20.38 -23.46 -2.46
N ASP A 48 21.05 -24.32 -1.70
CA ASP A 48 20.45 -24.98 -0.54
C ASP A 48 20.60 -24.02 0.65
N VAL A 49 19.51 -23.32 1.00
CA VAL A 49 19.61 -22.29 2.05
C VAL A 49 19.62 -22.89 3.45
N SER A 50 19.43 -24.21 3.58
CA SER A 50 19.45 -24.84 4.89
C SER A 50 20.80 -24.70 5.58
N ILE A 51 21.87 -24.49 4.81
CA ILE A 51 23.20 -24.39 5.39
C ILE A 51 23.47 -23.07 6.08
N LEU A 52 22.55 -22.10 5.97
CA LEU A 52 22.82 -20.74 6.43
C LEU A 52 22.34 -20.49 7.85
N GLY A 53 21.60 -21.43 8.44
CA GLY A 53 21.08 -21.21 9.79
C GLY A 53 19.84 -20.32 9.78
N LYS A 54 19.53 -19.79 10.97
CA LYS A 54 18.33 -19.02 11.21
C LYS A 54 18.64 -17.53 11.35
N PHE A 55 17.69 -16.71 10.94
CA PHE A 55 17.92 -15.27 10.89
C PHE A 55 16.79 -14.53 11.60
N ALA A 56 17.14 -13.42 12.25
CA ALA A 56 16.13 -12.61 12.90
C ALA A 56 15.33 -11.80 11.90
N VAL A 57 15.95 -11.43 10.77
CA VAL A 57 15.31 -10.63 9.73
C VAL A 57 15.70 -11.21 8.39
N VAL A 58 14.72 -11.38 7.51
CA VAL A 58 14.94 -11.69 6.10
C VAL A 58 14.46 -10.49 5.29
N MET A 59 15.23 -10.10 4.27
CA MET A 59 14.75 -9.13 3.29
C MET A 59 14.90 -9.69 1.89
N ALA A 60 13.89 -9.43 1.05
CA ALA A 60 13.94 -9.86 -0.35
C ALA A 60 13.38 -8.80 -1.26
N ASP A 61 14.05 -8.62 -2.40
CA ASP A 61 13.59 -7.72 -3.47
C ASP A 61 13.56 -8.54 -4.76
N PRO A 62 12.56 -9.40 -4.90
CA PRO A 62 12.62 -10.46 -5.94
C PRO A 62 12.28 -9.91 -7.31
N PRO A 63 12.76 -10.57 -8.38
CA PRO A 63 12.36 -10.21 -9.75
C PRO A 63 11.00 -10.82 -10.07
N TRP A 64 9.96 -10.23 -9.49
CA TRP A 64 8.60 -10.69 -9.76
C TRP A 64 8.32 -10.63 -11.24
N ASP A 65 7.51 -11.56 -11.72
CA ASP A 65 7.02 -11.53 -13.09
C ASP A 65 5.84 -10.56 -13.14
N ILE A 66 6.12 -9.30 -13.45
CA ILE A 66 5.08 -8.28 -13.31
C ILE A 66 4.38 -8.07 -14.64
N HIS A 67 4.36 -9.10 -15.49
CA HIS A 67 3.63 -9.12 -16.76
C HIS A 67 3.95 -7.90 -17.62
N MET A 68 5.20 -7.44 -17.57
CA MET A 68 5.73 -6.39 -18.43
C MET A 68 7.00 -6.91 -19.10
N GLU A 69 7.59 -6.08 -19.97
CA GLU A 69 8.82 -6.45 -20.63
C GLU A 69 9.98 -6.45 -19.64
N LEU A 70 10.87 -7.44 -19.77
CA LEU A 70 11.81 -7.77 -18.70
C LEU A 70 13.22 -7.26 -19.01
N PRO A 71 13.72 -6.25 -18.28
CA PRO A 71 15.16 -5.92 -18.36
C PRO A 71 16.04 -6.91 -17.61
N TYR A 72 15.46 -7.88 -16.91
CA TYR A 72 16.21 -8.91 -16.20
C TYR A 72 15.41 -10.20 -16.29
N GLY A 73 16.02 -11.29 -15.82
CA GLY A 73 15.30 -12.55 -15.75
C GLY A 73 14.35 -12.56 -14.56
N THR A 74 13.10 -12.94 -14.81
CA THR A 74 12.11 -13.00 -13.74
C THR A 74 11.95 -14.42 -13.22
N LEU A 75 11.34 -14.52 -12.05
CA LEU A 75 10.96 -15.80 -11.48
C LEU A 75 9.47 -15.97 -11.69
N THR A 76 9.06 -17.14 -12.15
CA THR A 76 7.63 -17.37 -12.32
C THR A 76 6.96 -17.40 -10.95
N ASP A 77 5.64 -17.17 -10.95
CA ASP A 77 4.90 -17.23 -9.71
C ASP A 77 5.14 -18.53 -8.96
N ASP A 78 5.20 -19.65 -9.68
CA ASP A 78 5.42 -20.92 -9.01
C ASP A 78 6.80 -21.00 -8.39
N GLU A 79 7.81 -20.48 -9.07
CA GLU A 79 9.16 -20.45 -8.50
C GLU A 79 9.21 -19.57 -7.27
N MET A 80 8.51 -18.43 -7.28
CA MET A 80 8.48 -17.60 -6.09
C MET A 80 7.84 -18.35 -4.93
N ARG A 81 6.70 -19.01 -5.20
CA ARG A 81 6.01 -19.79 -4.19
C ARG A 81 6.91 -20.87 -3.62
N ARG A 82 7.72 -21.50 -4.47
CA ARG A 82 8.51 -22.64 -4.03
C ARG A 82 9.81 -22.24 -3.35
N LEU A 83 10.14 -20.94 -3.30
CA LEU A 83 11.34 -20.50 -2.58
C LEU A 83 11.35 -21.03 -1.17
N ASN A 84 12.51 -21.56 -0.74
CA ASN A 84 12.58 -22.20 0.57
C ASN A 84 12.73 -21.15 1.67
N ILE A 85 11.91 -20.10 1.61
CA ILE A 85 11.90 -19.10 2.69
C ILE A 85 11.64 -19.72 4.05
N PRO A 86 10.74 -20.71 4.22
CA PRO A 86 10.41 -21.17 5.59
C PRO A 86 11.57 -21.70 6.41
N VAL A 87 12.62 -22.24 5.78
CA VAL A 87 13.75 -22.77 6.55
C VAL A 87 14.62 -21.67 7.15
N LEU A 88 14.44 -20.41 6.71
CA LEU A 88 15.37 -19.35 7.09
C LEU A 88 15.08 -18.74 8.45
N GLN A 89 13.89 -18.93 9.01
CA GLN A 89 13.56 -18.30 10.28
C GLN A 89 12.71 -19.21 11.14
N ASP A 90 12.81 -19.02 12.45
CA ASP A 90 11.83 -19.53 13.40
C ASP A 90 10.99 -18.43 14.03
N ASP A 91 11.62 -17.34 14.44
CA ASP A 91 10.90 -16.20 14.99
C ASP A 91 11.56 -14.94 14.46
N GLY A 92 10.80 -14.11 13.76
CA GLY A 92 11.40 -12.92 13.18
C GLY A 92 10.52 -12.30 12.13
N PHE A 93 11.15 -11.39 11.38
CA PHE A 93 10.45 -10.48 10.50
C PHE A 93 10.96 -10.67 9.08
N LEU A 94 10.05 -10.50 8.11
CA LEU A 94 10.35 -10.57 6.69
C LEU A 94 9.96 -9.25 6.06
N PHE A 95 10.87 -8.67 5.28
CA PHE A 95 10.65 -7.43 4.55
C PHE A 95 10.66 -7.78 3.07
N LEU A 96 9.51 -7.59 2.40
CA LEU A 96 9.32 -8.11 1.04
C LEU A 96 8.93 -6.95 0.11
N TRP A 97 9.82 -6.56 -0.80
CA TRP A 97 9.50 -5.47 -1.72
C TRP A 97 8.57 -5.96 -2.80
N VAL A 98 7.57 -5.13 -3.15
CA VAL A 98 6.49 -5.51 -4.06
C VAL A 98 6.13 -4.34 -4.94
N THR A 99 5.60 -4.65 -6.12
CA THR A 99 5.12 -3.62 -7.04
C THR A 99 4.09 -4.26 -7.94
N GLY A 100 3.19 -3.45 -8.46
CA GLY A 100 2.26 -3.95 -9.46
C GLY A 100 1.45 -5.09 -8.89
N ARG A 101 1.30 -6.17 -9.65
CA ARG A 101 0.49 -7.27 -9.17
C ARG A 101 1.21 -8.12 -8.13
N ALA A 102 2.51 -7.89 -7.92
CA ALA A 102 3.19 -8.49 -6.78
C ALA A 102 2.71 -7.92 -5.45
N MET A 103 2.01 -6.80 -5.47
CA MET A 103 1.34 -6.37 -4.25
C MET A 103 0.39 -7.44 -3.76
N GLU A 104 -0.24 -8.16 -4.70
CA GLU A 104 -1.12 -9.26 -4.32
C GLU A 104 -0.36 -10.58 -4.23
N LEU A 105 0.48 -10.88 -5.22
CA LEU A 105 1.23 -12.13 -5.19
C LEU A 105 2.18 -12.17 -4.01
N GLY A 106 2.78 -11.03 -3.67
CA GLY A 106 3.68 -11.00 -2.52
C GLY A 106 2.95 -11.28 -1.23
N ARG A 107 1.69 -10.82 -1.11
CA ARG A 107 0.88 -11.20 0.05
C ARG A 107 0.63 -12.70 0.09
N GLU A 108 0.33 -13.30 -1.06
CA GLU A 108 0.13 -14.75 -1.12
C GLU A 108 1.39 -15.47 -0.65
N CYS A 109 2.54 -15.12 -1.24
CA CYS A 109 3.79 -15.76 -0.86
C CYS A 109 4.08 -15.59 0.62
N LEU A 110 4.00 -14.35 1.10
CA LEU A 110 4.15 -14.10 2.52
C LEU A 110 3.34 -15.09 3.34
N ASN A 111 2.05 -15.25 3.02
CA ASN A 111 1.22 -16.14 3.85
C ASN A 111 1.60 -17.61 3.64
N LEU A 112 1.84 -18.03 2.39
CA LEU A 112 2.24 -19.41 2.14
C LEU A 112 3.51 -19.75 2.91
N TRP A 113 4.49 -18.85 2.92
CA TRP A 113 5.73 -19.10 3.64
C TRP A 113 5.55 -19.09 5.13
N GLY A 114 4.36 -18.80 5.64
CA GLY A 114 4.11 -18.83 7.07
C GLY A 114 4.16 -17.49 7.78
N TYR A 115 4.06 -16.38 7.07
CA TYR A 115 4.10 -15.08 7.72
C TYR A 115 2.71 -14.45 7.75
N GLU A 116 2.48 -13.60 8.75
CA GLU A 116 1.33 -12.70 8.77
C GLU A 116 1.82 -11.28 8.44
N ARG A 117 1.15 -10.59 7.53
CA ARG A 117 1.59 -9.23 7.20
C ARG A 117 1.13 -8.32 8.33
N VAL A 118 2.07 -7.58 8.94
CA VAL A 118 1.74 -6.74 10.08
C VAL A 118 2.14 -5.29 9.90
N ASP A 119 2.75 -4.93 8.78
CA ASP A 119 3.05 -3.53 8.48
C ASP A 119 3.33 -3.44 7.00
N GLU A 120 3.39 -2.20 6.49
CA GLU A 120 3.74 -1.99 5.09
C GLU A 120 4.48 -0.68 5.01
N ILE A 121 5.72 -0.74 4.68
CA ILE A 121 6.57 0.44 4.59
C ILE A 121 6.43 1.01 3.20
N ILE A 122 6.31 2.34 3.08
CA ILE A 122 6.42 2.95 1.77
C ILE A 122 7.58 3.92 1.73
N TRP A 123 8.32 3.89 0.64
CA TRP A 123 9.44 4.78 0.42
C TRP A 123 8.96 5.88 -0.53
N VAL A 124 8.85 7.11 -0.02
CA VAL A 124 8.53 8.25 -0.88
C VAL A 124 9.80 8.70 -1.58
N LYS A 125 9.79 8.62 -2.92
CA LYS A 125 10.97 8.93 -3.73
C LYS A 125 11.09 10.44 -3.94
N THR A 126 12.24 11.01 -3.57
CA THR A 126 12.53 12.42 -3.76
C THR A 126 13.80 12.60 -4.57
N ASN A 127 14.05 13.85 -4.97
CA ASN A 127 15.33 14.27 -5.53
C ASN A 127 16.20 14.86 -4.42
N GLN A 128 17.24 15.60 -4.79
CA GLN A 128 18.10 16.26 -3.79
C GLN A 128 17.44 17.48 -3.18
N LEU A 129 16.42 18.05 -3.84
CA LEU A 129 15.67 19.18 -3.32
C LEU A 129 14.47 18.77 -2.47
N GLN A 130 14.38 17.47 -2.12
CA GLN A 130 13.29 16.95 -1.28
C GLN A 130 11.92 17.14 -1.93
N ARG A 131 11.85 16.96 -3.25
CA ARG A 131 10.60 17.00 -3.99
C ARG A 131 10.32 15.62 -4.59
N ILE A 132 9.04 15.27 -4.67
CA ILE A 132 8.65 13.94 -5.14
C ILE A 132 8.93 13.83 -6.64
N ILE A 133 9.63 12.76 -7.01
CA ILE A 133 9.84 12.44 -8.42
C ILE A 133 8.50 12.18 -9.12
N HIS A 140 0.08 3.70 -16.10
CA HIS A 140 -1.01 3.35 -15.20
C HIS A 140 -2.06 4.46 -15.17
N TRP A 141 -2.87 4.50 -14.11
CA TRP A 141 -3.83 5.59 -13.94
C TRP A 141 -3.24 6.79 -13.21
N LEU A 142 -2.19 6.55 -12.42
CA LEU A 142 -1.57 7.56 -11.59
C LEU A 142 -0.07 7.46 -11.74
N ASN A 143 0.61 8.60 -11.62
CA ASN A 143 2.05 8.56 -11.46
C ASN A 143 2.40 7.96 -10.11
N HIS A 144 3.56 7.35 -10.03
CA HIS A 144 3.96 6.59 -8.85
C HIS A 144 5.07 7.34 -8.13
N GLY A 145 4.78 7.83 -6.93
CA GLY A 145 5.77 8.48 -6.13
C GLY A 145 6.45 7.61 -5.11
N LYS A 146 6.14 6.31 -5.07
CA LYS A 146 6.54 5.50 -3.93
C LYS A 146 6.79 4.05 -4.34
N GLU A 147 7.52 3.35 -3.46
CA GLU A 147 7.66 1.91 -3.52
C GLU A 147 7.20 1.31 -2.20
N HIS A 148 6.73 0.07 -2.28
CA HIS A 148 6.10 -0.62 -1.16
C HIS A 148 6.97 -1.77 -0.69
N CYS A 149 7.03 -1.94 0.64
CA CYS A 149 7.72 -3.07 1.25
C CYS A 149 6.81 -3.68 2.31
N LEU A 150 6.33 -4.90 2.07
CA LEU A 150 5.50 -5.56 3.07
C LEU A 150 6.37 -6.00 4.24
N VAL A 151 5.78 -6.03 5.44
CA VAL A 151 6.45 -6.50 6.64
C VAL A 151 5.64 -7.65 7.20
N GLY A 152 6.24 -8.85 7.22
CA GLY A 152 5.59 -10.04 7.74
C GLY A 152 6.27 -10.48 9.02
N VAL A 153 5.50 -11.13 9.90
CA VAL A 153 6.04 -11.70 11.12
C VAL A 153 5.79 -13.20 11.13
N LYS A 154 6.76 -13.96 11.64
CA LYS A 154 6.68 -15.41 11.80
C LYS A 154 7.03 -15.77 13.23
N GLY A 155 6.22 -16.65 13.83
CA GLY A 155 6.52 -17.12 15.17
C GLY A 155 6.19 -16.03 16.19
N ASN A 156 7.01 -15.99 17.25
CA ASN A 156 6.87 -14.95 18.27
C ASN A 156 8.23 -14.34 18.56
N PRO A 157 8.64 -13.36 17.76
CA PRO A 157 9.90 -12.67 18.03
C PRO A 157 9.84 -11.95 19.38
N GLN A 158 10.94 -12.00 20.11
CA GLN A 158 11.05 -11.34 21.40
C GLN A 158 12.34 -10.53 21.43
N GLY A 159 12.30 -9.39 22.11
CA GLY A 159 13.46 -8.55 22.25
C GLY A 159 13.74 -7.63 21.08
N PHE A 160 12.76 -7.41 20.22
CA PHE A 160 12.87 -6.42 19.17
C PHE A 160 12.38 -5.08 19.69
N ASN A 161 12.77 -4.02 19.00
CA ASN A 161 12.42 -2.66 19.40
C ASN A 161 11.32 -2.12 18.49
N GLN A 162 10.11 -2.59 18.73
CA GLN A 162 9.00 -2.20 17.87
C GLN A 162 8.59 -0.76 18.16
N GLY A 163 8.23 -0.03 17.10
CA GLY A 163 7.74 1.34 17.22
C GLY A 163 8.78 2.42 17.33
N LEU A 164 10.06 2.11 17.09
CA LEU A 164 11.09 3.15 17.09
C LEU A 164 11.01 4.01 15.84
N ASP A 165 10.77 3.39 14.69
CA ASP A 165 10.69 4.10 13.42
C ASP A 165 9.25 4.11 12.93
N CYS A 166 8.95 5.06 12.06
CA CYS A 166 7.63 5.06 11.45
C CYS A 166 7.69 4.42 10.07
N ASP A 167 6.51 4.19 9.47
CA ASP A 167 6.42 3.34 8.30
C ASP A 167 6.53 4.10 6.98
N VAL A 168 7.06 5.32 6.99
CA VAL A 168 7.29 6.06 5.76
C VAL A 168 8.78 6.39 5.66
N ILE A 169 9.37 6.15 4.49
CA ILE A 169 10.76 6.51 4.21
C ILE A 169 10.77 7.62 3.16
N VAL A 170 11.49 8.70 3.45
CA VAL A 170 11.73 9.79 2.50
C VAL A 170 13.23 9.78 2.22
N ALA A 171 13.60 9.57 0.96
CA ALA A 171 15.01 9.41 0.64
C ALA A 171 15.21 9.50 -0.86
N GLU A 172 16.41 9.94 -1.24
CA GLU A 172 16.71 10.20 -2.64
C GLU A 172 16.95 8.90 -3.39
N VAL A 173 16.55 8.91 -4.67
CA VAL A 173 16.72 7.76 -5.56
C VAL A 173 18.17 7.68 -6.03
N ARG A 174 18.74 6.49 -6.00
CA ARG A 174 20.07 6.24 -6.51
C ARG A 174 19.93 5.54 -7.88
N SER A 175 20.57 4.39 -8.11
CA SER A 175 20.43 3.73 -9.41
C SER A 175 19.03 3.16 -9.56
N THR A 176 18.74 2.68 -10.77
CA THR A 176 17.50 1.95 -10.97
C THR A 176 17.53 0.68 -10.13
N SER A 177 16.36 0.28 -9.63
CA SER A 177 16.20 -0.94 -8.86
C SER A 177 16.95 -0.92 -7.54
N HIS A 178 17.37 0.26 -7.09
CA HIS A 178 18.23 0.41 -5.93
C HIS A 178 17.40 0.90 -4.75
N LYS A 179 17.29 0.08 -3.70
CA LYS A 179 16.48 0.47 -2.54
C LYS A 179 17.28 1.41 -1.65
N PRO A 180 16.61 2.14 -0.75
CA PRO A 180 17.31 3.14 0.07
C PRO A 180 17.99 2.54 1.29
N ASP A 181 19.17 3.10 1.61
CA ASP A 181 19.94 2.58 2.74
C ASP A 181 19.26 2.81 4.07
N GLU A 182 18.30 3.73 4.14
CA GLU A 182 17.54 3.93 5.38
C GLU A 182 16.92 2.64 5.90
N ILE A 183 16.52 1.71 5.01
CA ILE A 183 15.84 0.49 5.47
C ILE A 183 16.77 -0.36 6.35
N TYR A 184 18.07 -0.38 6.04
CA TYR A 184 19.02 -1.14 6.87
C TYR A 184 19.15 -0.53 8.26
N GLY A 185 19.05 0.81 8.36
CA GLY A 185 19.09 1.42 9.67
C GLY A 185 17.85 1.13 10.49
N MET A 186 16.66 1.26 9.86
CA MET A 186 15.42 0.90 10.54
C MET A 186 15.47 -0.54 11.02
N ILE A 187 16.00 -1.44 10.20
CA ILE A 187 16.05 -2.85 10.57
C ILE A 187 17.05 -3.07 11.70
N GLU A 188 18.17 -2.32 11.68
CA GLU A 188 19.15 -2.46 12.75
C GLU A 188 18.62 -1.92 14.08
N ARG A 189 17.90 -0.79 14.05
CA ARG A 189 17.31 -0.31 15.29
C ARG A 189 16.26 -1.28 15.80
N LEU A 190 15.51 -1.90 14.89
CA LEU A 190 14.47 -2.82 15.31
C LEU A 190 15.06 -4.09 15.93
N SER A 191 16.19 -4.56 15.42
CA SER A 191 16.79 -5.82 15.84
C SER A 191 18.32 -5.68 15.83
N PRO A 192 18.88 -4.97 16.80
CA PRO A 192 20.32 -4.68 16.76
C PRO A 192 21.16 -5.93 17.01
N GLY A 193 22.16 -6.13 16.16
CA GLY A 193 23.19 -7.13 16.39
C GLY A 193 22.87 -8.54 15.97
N THR A 194 21.63 -8.83 15.55
CA THR A 194 21.19 -10.17 15.18
C THR A 194 21.60 -10.47 13.74
N ARG A 195 21.54 -11.74 13.37
CA ARG A 195 21.88 -12.15 12.00
C ARG A 195 20.73 -11.89 11.04
N LYS A 196 21.07 -11.38 9.87
CA LYS A 196 20.08 -11.01 8.86
C LYS A 196 20.53 -11.56 7.53
N ILE A 197 19.57 -11.81 6.64
CA ILE A 197 19.90 -12.32 5.31
C ILE A 197 19.09 -11.56 4.27
N GLU A 198 19.77 -11.15 3.19
CA GLU A 198 19.09 -10.50 2.08
C GLU A 198 19.13 -11.39 0.85
N LEU A 199 17.96 -11.57 0.23
CA LEU A 199 17.85 -12.33 -1.01
C LEU A 199 17.73 -11.36 -2.18
N PHE A 200 18.38 -11.70 -3.28
CA PHE A 200 18.40 -10.88 -4.49
C PHE A 200 19.02 -9.52 -4.19
N GLY A 201 20.07 -9.51 -3.37
CA GLY A 201 20.82 -8.30 -3.12
C GLY A 201 21.83 -8.03 -4.23
N ARG A 202 22.39 -6.84 -4.21
CA ARG A 202 23.41 -6.43 -5.16
C ARG A 202 24.65 -6.00 -4.38
N PRO A 203 25.83 -5.94 -5.03
CA PRO A 203 27.06 -5.71 -4.25
C PRO A 203 27.02 -4.49 -3.35
N HIS A 204 26.36 -3.41 -3.78
CA HIS A 204 26.24 -2.24 -2.91
C HIS A 204 25.43 -2.51 -1.65
N ASN A 205 24.72 -3.64 -1.57
CA ASN A 205 23.87 -3.95 -0.42
C ASN A 205 24.60 -4.63 0.71
N VAL A 206 25.86 -5.06 0.53
CA VAL A 206 26.49 -5.87 1.58
C VAL A 206 26.79 -4.99 2.79
N GLN A 207 26.46 -5.51 3.97
CA GLN A 207 26.45 -4.78 5.23
C GLN A 207 26.93 -5.71 6.32
N PRO A 208 27.49 -5.15 7.41
CA PRO A 208 27.72 -5.97 8.60
C PRO A 208 26.41 -6.61 9.07
N ASN A 209 26.54 -7.77 9.73
CA ASN A 209 25.44 -8.55 10.27
C ASN A 209 24.55 -9.16 9.19
N TRP A 210 24.81 -8.86 7.92
CA TRP A 210 24.00 -9.38 6.82
C TRP A 210 24.81 -10.37 5.99
N ILE A 211 24.15 -11.45 5.58
CA ILE A 211 24.61 -12.28 4.49
C ILE A 211 23.76 -11.95 3.29
N THR A 212 24.40 -11.56 2.19
CA THR A 212 23.71 -11.16 0.97
C THR A 212 23.85 -12.26 -0.07
N LEU A 213 22.73 -12.67 -0.67
CA LEU A 213 22.72 -13.64 -1.76
C LEU A 213 22.22 -12.96 -3.02
N GLY A 214 22.96 -13.11 -4.10
CA GLY A 214 22.60 -12.51 -5.37
C GLY A 214 23.51 -13.00 -6.48
N ASN A 215 23.02 -12.98 -7.71
CA ASN A 215 23.75 -13.57 -8.82
C ASN A 215 24.71 -12.60 -9.49
N GLN A 216 24.81 -11.37 -8.99
CA GLN A 216 25.77 -10.38 -9.45
C GLN A 216 26.81 -10.06 -8.39
N LEU A 217 26.94 -10.89 -7.36
CA LEU A 217 27.97 -10.65 -6.36
C LEU A 217 29.28 -11.30 -6.81
N ASP A 218 30.34 -11.01 -6.06
CA ASP A 218 31.71 -11.39 -6.40
C ASP A 218 32.09 -12.64 -5.62
N GLY A 219 31.88 -13.80 -6.24
CA GLY A 219 32.25 -15.06 -5.61
C GLY A 219 31.52 -15.32 -4.30
N ILE A 220 32.20 -16.05 -3.41
CA ILE A 220 31.67 -16.45 -2.12
C ILE A 220 32.57 -15.85 -1.04
N HIS A 221 31.96 -15.21 -0.04
CA HIS A 221 32.73 -14.60 1.05
C HIS A 221 32.01 -14.88 2.36
N LEU A 222 32.51 -15.86 3.12
CA LEU A 222 31.87 -16.34 4.34
C LEU A 222 32.88 -16.36 5.48
N LEU A 223 32.45 -15.90 6.65
CA LEU A 223 33.35 -15.77 7.80
C LEU A 223 32.79 -16.44 9.05
N ASP A 224 31.47 -16.55 9.14
CA ASP A 224 30.84 -17.25 10.26
C ASP A 224 31.24 -18.73 10.23
N PRO A 225 31.89 -19.24 11.28
CA PRO A 225 32.40 -20.62 11.21
C PRO A 225 31.32 -21.69 11.04
N ASP A 226 30.15 -21.55 11.71
CA ASP A 226 29.07 -22.51 11.50
C ASP A 226 28.67 -22.58 10.04
N VAL A 227 28.54 -21.43 9.38
CA VAL A 227 28.16 -21.39 7.97
C VAL A 227 29.26 -21.97 7.11
N VAL A 228 30.53 -21.65 7.41
CA VAL A 228 31.65 -22.17 6.63
C VAL A 228 31.67 -23.69 6.66
N ALA A 229 31.50 -24.26 7.86
CA ALA A 229 31.44 -25.72 8.00
C ALA A 229 30.35 -26.32 7.11
N ARG A 230 29.10 -25.94 7.35
CA ARG A 230 27.98 -26.52 6.61
C ARG A 230 28.12 -26.27 5.11
N PHE A 231 28.72 -25.16 4.71
CA PHE A 231 28.91 -24.91 3.28
C PHE A 231 29.87 -25.94 2.67
N LYS A 232 31.04 -26.12 3.30
CA LYS A 232 31.99 -27.12 2.81
C LYS A 232 31.34 -28.50 2.76
N GLN A 233 30.68 -28.91 3.85
CA GLN A 233 30.02 -30.22 3.90
C GLN A 233 29.02 -30.38 2.76
N ARG A 234 28.20 -29.35 2.49
CA ARG A 234 27.18 -29.43 1.46
C ARG A 234 27.74 -29.18 0.05
N TYR A 235 28.76 -28.33 -0.08
CA TYR A 235 29.36 -28.01 -1.38
C TYR A 235 30.86 -28.24 -1.29
N PRO A 236 31.31 -29.50 -1.34
CA PRO A 236 32.74 -29.77 -1.12
C PRO A 236 33.63 -29.24 -2.23
N ASP A 237 33.15 -29.25 -3.47
CA ASP A 237 33.90 -28.75 -4.61
C ASP A 237 33.53 -27.30 -4.95
N GLY A 238 32.81 -26.61 -4.08
CA GLY A 238 32.55 -25.19 -4.24
C GLY A 238 31.70 -24.82 -5.44
N ILE A 239 30.72 -25.64 -5.80
CA ILE A 239 29.88 -25.36 -6.95
C ILE A 239 28.43 -25.73 -6.62
N ILE A 240 27.49 -24.90 -7.07
CA ILE A 240 26.07 -25.18 -6.86
C ILE A 240 25.36 -25.34 -8.19
N ASN B 12 21.21 13.05 4.15
CA ASN B 12 20.41 13.17 5.37
C ASN B 12 19.48 11.97 5.58
N ASP B 13 19.56 11.38 6.77
CA ASP B 13 18.75 10.20 7.14
C ASP B 13 17.53 10.67 7.93
N TYR B 14 16.39 10.80 7.25
CA TYR B 14 15.19 11.28 7.93
C TYR B 14 14.59 10.25 8.86
N CYS B 15 14.91 8.95 8.69
CA CYS B 15 14.46 7.96 9.67
C CYS B 15 15.23 8.08 10.98
N GLN B 16 16.56 8.16 10.92
CA GLN B 16 17.33 8.47 12.13
C GLN B 16 16.87 9.79 12.73
N HIS B 17 16.56 10.78 11.88
CA HIS B 17 16.10 12.07 12.38
C HIS B 17 14.76 11.93 13.10
N PHE B 18 13.86 11.07 12.61
CA PHE B 18 12.62 10.84 13.34
C PHE B 18 12.90 10.25 14.72
N VAL B 19 13.79 9.25 14.78
CA VAL B 19 14.15 8.64 16.05
C VAL B 19 14.71 9.70 17.00
N ASP B 20 15.49 10.65 16.47
CA ASP B 20 16.15 11.65 17.31
C ASP B 20 15.17 12.70 17.82
N THR B 21 14.23 13.14 16.96
CA THR B 21 13.45 14.35 17.21
C THR B 21 11.94 14.17 17.22
N GLY B 22 11.40 13.10 16.63
CA GLY B 22 9.96 12.93 16.55
C GLY B 22 9.29 13.57 15.35
N HIS B 23 10.05 14.28 14.52
CA HIS B 23 9.57 14.76 13.23
C HIS B 23 9.54 13.58 12.25
N ARG B 24 8.35 13.20 11.82
CA ARG B 24 8.22 12.16 10.81
C ARG B 24 8.97 12.56 9.54
N PRO B 25 9.56 11.60 8.83
CA PRO B 25 10.29 11.95 7.60
C PRO B 25 9.45 12.74 6.61
N GLN B 26 8.14 12.48 6.52
CA GLN B 26 7.32 13.19 5.54
C GLN B 26 7.22 14.68 5.85
N ASN B 27 7.55 15.11 7.08
CA ASN B 27 7.55 16.54 7.41
C ASN B 27 8.46 17.33 6.49
N PHE B 28 9.45 16.69 5.88
CA PHE B 28 10.49 17.39 5.15
C PHE B 28 10.34 17.29 3.63
N ILE B 29 9.27 16.67 3.14
CA ILE B 29 8.94 16.81 1.72
C ILE B 29 8.56 18.27 1.44
N ARG B 30 9.04 18.78 0.31
CA ARG B 30 8.76 20.14 -0.11
C ARG B 30 7.73 20.15 -1.23
N ASP B 31 6.96 21.25 -1.30
CA ASP B 31 5.92 21.44 -2.32
C ASP B 31 4.81 20.41 -2.19
N VAL B 32 4.37 20.17 -0.95
CA VAL B 32 3.44 19.06 -0.65
C VAL B 32 2.18 19.52 0.06
N LEU B 47 -1.79 24.20 -17.22
CA LEU B 47 -2.61 24.11 -16.02
C LEU B 47 -3.88 23.31 -16.26
N ILE B 48 -4.12 22.31 -15.41
CA ILE B 48 -5.32 21.49 -15.48
C ILE B 48 -6.44 22.22 -14.75
N ARG B 49 -6.58 23.52 -15.02
CA ARG B 49 -7.64 24.31 -14.40
C ARG B 49 -8.91 24.35 -15.23
N LEU B 50 -8.80 24.26 -16.56
CA LEU B 50 -9.99 24.18 -17.39
C LEU B 50 -10.70 22.85 -17.18
N LYS B 51 -9.93 21.76 -17.04
CA LYS B 51 -10.49 20.48 -16.66
C LYS B 51 -11.32 20.60 -15.37
N ASP B 52 -10.80 21.33 -14.38
CA ASP B 52 -11.54 21.52 -13.13
C ASP B 52 -12.84 22.29 -13.38
N GLU B 53 -12.82 23.22 -14.32
CA GLU B 53 -14.04 23.97 -14.63
C GLU B 53 -15.00 23.12 -15.46
N LEU B 54 -14.49 22.30 -16.37
CA LEU B 54 -15.35 21.38 -17.11
C LEU B 54 -15.99 20.36 -16.18
N ILE B 55 -15.23 19.85 -15.21
CA ILE B 55 -15.80 18.99 -14.18
C ILE B 55 -16.89 19.72 -13.42
N ALA B 56 -16.62 20.94 -13.00
CA ALA B 56 -17.63 21.72 -12.28
C ALA B 56 -18.88 21.96 -13.14
N LYS B 57 -18.68 22.28 -14.43
CA LYS B 57 -19.83 22.50 -15.31
C LYS B 57 -20.66 21.23 -15.48
N SER B 58 -20.00 20.08 -15.53
CA SER B 58 -20.68 18.83 -15.76
C SER B 58 -21.37 18.29 -14.51
N ASN B 59 -20.94 18.70 -13.31
CA ASN B 59 -21.37 18.08 -12.07
C ASN B 59 -22.89 18.12 -11.90
N THR B 60 -23.47 16.96 -11.59
CA THR B 60 -24.85 16.92 -11.14
C THR B 60 -25.01 17.72 -9.85
N PRO B 61 -26.23 18.15 -9.54
CA PRO B 61 -26.48 18.71 -8.23
C PRO B 61 -26.12 17.71 -7.15
N PRO B 62 -25.66 18.17 -5.99
CA PRO B 62 -25.39 17.22 -4.90
C PRO B 62 -26.68 16.53 -4.49
N MET B 63 -26.60 15.24 -4.25
CA MET B 63 -27.75 14.50 -3.75
C MET B 63 -27.27 13.59 -2.63
N TYR B 64 -28.15 13.32 -1.68
CA TYR B 64 -27.69 12.71 -0.44
C TYR B 64 -28.89 12.01 0.18
N LEU B 65 -28.60 10.99 0.98
CA LEU B 65 -29.65 10.16 1.55
C LEU B 65 -29.16 9.62 2.88
N GLN B 66 -29.92 9.88 3.93
CA GLN B 66 -29.66 9.21 5.20
C GLN B 66 -30.11 7.77 5.07
N ALA B 67 -29.23 6.83 5.41
CA ALA B 67 -29.60 5.41 5.36
C ALA B 67 -28.69 4.63 6.29
N ASP B 68 -29.29 3.70 7.04
CA ASP B 68 -28.50 2.79 7.86
C ASP B 68 -28.08 1.64 6.95
N ILE B 69 -26.83 1.73 6.46
CA ILE B 69 -26.38 0.85 5.38
C ILE B 69 -26.37 -0.61 5.82
N GLU B 70 -26.24 -0.85 7.13
CA GLU B 70 -26.30 -2.23 7.61
C GLU B 70 -27.66 -2.85 7.35
N ALA B 71 -28.73 -2.09 7.55
CA ALA B 71 -30.11 -2.55 7.46
C ALA B 71 -30.78 -2.17 6.17
N PHE B 72 -30.02 -1.70 5.18
CA PHE B 72 -30.56 -1.01 4.03
C PHE B 72 -30.33 -1.87 2.80
N ASP B 73 -31.37 -2.04 1.99
CA ASP B 73 -31.23 -2.79 0.75
C ASP B 73 -30.49 -1.91 -0.25
N ILE B 74 -29.20 -2.21 -0.45
CA ILE B 74 -28.35 -1.38 -1.30
C ILE B 74 -28.94 -1.25 -2.70
N ARG B 75 -29.69 -2.26 -3.15
CA ARG B 75 -30.22 -2.24 -4.51
C ARG B 75 -31.23 -1.12 -4.74
N GLU B 76 -31.69 -0.45 -3.68
CA GLU B 76 -32.56 0.73 -3.85
C GLU B 76 -31.82 1.89 -4.49
N LEU B 77 -30.49 1.90 -4.41
CA LEU B 77 -29.68 2.96 -5.02
C LEU B 77 -29.48 2.63 -6.49
N THR B 78 -30.10 3.42 -7.35
CA THR B 78 -30.01 3.25 -8.79
C THR B 78 -29.81 4.63 -9.42
N PRO B 79 -29.24 4.69 -10.64
CA PRO B 79 -28.83 3.58 -11.50
C PRO B 79 -27.50 2.99 -11.04
N LYS B 80 -26.89 2.10 -11.81
CA LYS B 80 -25.58 1.58 -11.42
C LYS B 80 -24.52 2.67 -11.55
N PHE B 81 -23.51 2.61 -10.69
CA PHE B 81 -22.58 3.71 -10.53
C PHE B 81 -21.31 3.52 -11.33
N ASP B 82 -20.77 4.63 -11.82
CA ASP B 82 -19.47 4.63 -12.49
C ASP B 82 -18.32 4.63 -11.49
N VAL B 83 -18.49 5.29 -10.34
CA VAL B 83 -17.45 5.35 -9.32
C VAL B 83 -18.13 5.16 -7.97
N ILE B 84 -17.53 4.36 -7.10
CA ILE B 84 -17.98 4.23 -5.73
C ILE B 84 -16.81 4.56 -4.81
N LEU B 85 -17.05 5.48 -3.87
CA LEU B 85 -16.10 5.81 -2.83
C LEU B 85 -16.65 5.24 -1.54
N LEU B 86 -15.90 4.35 -0.93
CA LEU B 86 -16.41 3.57 0.19
C LEU B 86 -15.54 3.87 1.39
N GLU B 87 -16.14 4.40 2.45
CA GLU B 87 -15.39 4.97 3.56
C GLU B 87 -15.94 4.43 4.89
N PRO B 88 -15.97 3.11 5.04
CA PRO B 88 -16.58 2.53 6.25
C PRO B 88 -15.86 3.00 7.49
N PRO B 89 -16.59 3.26 8.57
CA PRO B 89 -15.94 3.73 9.80
C PRO B 89 -15.23 2.63 10.58
N LEU B 90 -13.93 2.49 10.38
CA LEU B 90 -13.19 1.44 11.07
C LEU B 90 -12.92 1.80 12.52
N GLU B 91 -12.82 0.75 13.36
CA GLU B 91 -12.50 0.96 14.78
C GLU B 91 -11.16 1.66 14.96
N GLU B 92 -10.18 1.35 14.11
CA GLU B 92 -8.87 1.98 14.25
C GLU B 92 -8.93 3.48 14.03
N TYR B 93 -10.01 4.00 13.42
CA TYR B 93 -10.11 5.45 13.29
C TYR B 93 -10.43 6.10 14.63
N TYR B 94 -11.02 5.36 15.56
CA TYR B 94 -11.40 5.86 16.88
C TYR B 94 -10.51 5.15 17.91
N ARG B 95 -9.34 5.72 18.18
CA ARG B 95 -8.47 5.19 19.23
C ARG B 95 -8.21 6.25 20.31
N LYS B 104 -21.22 3.64 15.90
CA LYS B 104 -21.16 2.28 15.38
C LYS B 104 -20.00 2.07 14.40
N CYS B 105 -18.98 1.35 14.83
CA CYS B 105 -17.87 1.01 13.94
C CYS B 105 -18.21 -0.22 13.10
N TRP B 106 -17.63 -0.28 11.92
CA TRP B 106 -17.80 -1.40 10.99
C TRP B 106 -16.54 -2.26 11.03
N THR B 107 -16.72 -3.56 11.19
CA THR B 107 -15.61 -4.51 11.04
C THR B 107 -15.45 -4.86 9.58
N TRP B 108 -14.33 -5.49 9.24
CA TRP B 108 -14.18 -5.99 7.88
C TRP B 108 -15.16 -7.12 7.59
N ASP B 109 -15.65 -7.82 8.62
CA ASP B 109 -16.74 -8.78 8.47
C ASP B 109 -17.99 -8.11 7.91
N ASP B 110 -18.42 -7.01 8.55
CA ASP B 110 -19.54 -6.22 8.05
C ASP B 110 -19.28 -5.74 6.63
N ILE B 111 -18.11 -5.15 6.39
CA ILE B 111 -17.86 -4.53 5.08
C ILE B 111 -17.90 -5.57 3.98
N MET B 112 -17.23 -6.69 4.20
CA MET B 112 -17.13 -7.73 3.17
C MET B 112 -18.50 -8.26 2.76
N LYS B 113 -19.50 -8.17 3.63
CA LYS B 113 -20.85 -8.66 3.32
C LYS B 113 -21.71 -7.62 2.61
N LEU B 114 -21.21 -6.41 2.36
CA LEU B 114 -21.94 -5.44 1.55
C LEU B 114 -22.03 -5.94 0.10
N GLU B 115 -23.19 -5.73 -0.53
CA GLU B 115 -23.41 -6.27 -1.87
C GLU B 115 -23.04 -5.24 -2.94
N ILE B 116 -21.77 -4.84 -2.95
CA ILE B 116 -21.33 -3.73 -3.79
C ILE B 116 -21.44 -4.08 -5.26
N ASP B 117 -21.20 -5.34 -5.62
CA ASP B 117 -21.30 -5.73 -7.02
C ASP B 117 -22.69 -5.51 -7.59
N GLU B 118 -23.72 -5.47 -6.73
CA GLU B 118 -25.09 -5.30 -7.18
C GLU B 118 -25.41 -3.87 -7.60
N ILE B 119 -24.58 -2.89 -7.22
CA ILE B 119 -24.83 -1.50 -7.59
C ILE B 119 -23.74 -0.91 -8.47
N ALA B 120 -22.69 -1.67 -8.80
CA ALA B 120 -21.60 -1.17 -9.63
C ALA B 120 -21.92 -1.40 -11.11
N ALA B 121 -21.64 -0.41 -11.94
CA ALA B 121 -21.81 -0.59 -13.37
C ALA B 121 -20.79 -1.62 -13.88
N PRO B 122 -21.12 -2.33 -14.96
CA PRO B 122 -20.22 -3.39 -15.45
C PRO B 122 -18.81 -2.90 -15.70
N ARG B 123 -18.64 -1.69 -16.21
CA ARG B 123 -17.36 -1.01 -16.19
C ARG B 123 -17.47 0.11 -15.18
N SER B 124 -16.69 0.01 -14.11
CA SER B 124 -16.80 0.97 -13.01
C SER B 124 -15.54 0.88 -12.16
N PHE B 125 -15.47 1.76 -11.17
CA PHE B 125 -14.29 1.92 -10.33
C PHE B 125 -14.72 2.02 -8.88
N ILE B 126 -13.83 1.62 -7.99
CA ILE B 126 -14.09 1.75 -6.57
C ILE B 126 -12.83 2.32 -5.93
N PHE B 127 -13.02 3.12 -4.90
CA PHE B 127 -11.94 3.66 -4.09
C PHE B 127 -12.33 3.31 -2.66
N LEU B 128 -11.54 2.44 -2.03
CA LEU B 128 -11.87 1.89 -0.73
C LEU B 128 -10.82 2.34 0.27
N TRP B 129 -11.24 3.13 1.28
CA TRP B 129 -10.33 3.50 2.36
C TRP B 129 -10.12 2.29 3.25
N CYS B 130 -8.86 1.87 3.44
CA CYS B 130 -8.54 0.60 4.09
C CYS B 130 -7.81 0.78 5.41
N GLY B 131 -7.43 2.01 5.77
CA GLY B 131 -6.78 2.21 7.03
C GLY B 131 -5.32 1.88 6.88
N SER B 132 -4.72 1.32 7.91
CA SER B 132 -3.30 1.00 7.89
C SER B 132 -2.98 -0.36 8.50
N GLY B 133 -3.98 -1.13 8.94
CA GLY B 133 -3.78 -2.43 9.55
C GLY B 133 -4.25 -3.57 8.68
N GLU B 134 -5.06 -4.46 9.25
CA GLU B 134 -5.58 -5.63 8.53
C GLU B 134 -6.39 -5.24 7.30
N GLY B 135 -6.92 -4.01 7.25
CA GLY B 135 -7.64 -3.57 6.07
C GLY B 135 -6.83 -3.60 4.78
N LEU B 136 -5.51 -3.46 4.86
CA LEU B 136 -4.74 -3.51 3.62
C LEU B 136 -4.84 -4.90 2.99
N ASP B 137 -5.11 -5.92 3.81
CA ASP B 137 -5.33 -7.28 3.34
C ASP B 137 -6.81 -7.56 3.08
N LEU B 138 -7.66 -7.31 4.09
CA LEU B 138 -9.09 -7.57 3.96
C LEU B 138 -9.76 -6.66 2.94
N GLY B 139 -9.26 -5.44 2.73
CA GLY B 139 -9.81 -4.62 1.66
C GLY B 139 -9.54 -5.19 0.29
N ARG B 140 -8.38 -5.82 0.10
CA ARG B 140 -8.10 -6.48 -1.17
C ARG B 140 -9.00 -7.69 -1.37
N VAL B 141 -9.31 -8.43 -0.30
CA VAL B 141 -10.28 -9.52 -0.40
C VAL B 141 -11.65 -8.99 -0.81
N CYS B 142 -12.08 -7.88 -0.18
CA CYS B 142 -13.34 -7.24 -0.56
C CYS B 142 -13.35 -6.87 -2.03
N LEU B 143 -12.29 -6.23 -2.50
CA LEU B 143 -12.25 -5.84 -3.90
C LEU B 143 -12.47 -7.06 -4.80
N ARG B 144 -11.74 -8.14 -4.54
CA ARG B 144 -11.88 -9.32 -5.41
C ARG B 144 -13.27 -9.93 -5.26
N LYS B 145 -13.82 -9.93 -4.04
CA LYS B 145 -15.14 -10.48 -3.84
C LYS B 145 -16.20 -9.73 -4.64
N TRP B 146 -16.04 -8.41 -4.80
CA TRP B 146 -17.00 -7.59 -5.53
C TRP B 146 -16.70 -7.53 -7.02
N GLY B 147 -15.64 -8.21 -7.48
CA GLY B 147 -15.36 -8.30 -8.89
C GLY B 147 -14.39 -7.29 -9.44
N TYR B 148 -13.64 -6.59 -8.60
CA TYR B 148 -12.66 -5.62 -9.04
C TYR B 148 -11.25 -6.19 -9.01
N ARG B 149 -10.37 -5.57 -9.78
CA ARG B 149 -8.93 -5.77 -9.66
C ARG B 149 -8.30 -4.46 -9.18
N ARG B 150 -7.33 -4.55 -8.29
CA ARG B 150 -6.65 -3.34 -7.81
C ARG B 150 -5.75 -2.77 -8.89
N CYS B 151 -5.89 -1.47 -9.16
CA CYS B 151 -5.01 -0.83 -10.13
C CYS B 151 -4.08 0.21 -9.53
N GLU B 152 -4.46 0.85 -8.43
CA GLU B 152 -3.62 1.82 -7.76
C GLU B 152 -3.76 1.65 -6.26
N ASP B 153 -2.71 1.99 -5.53
CA ASP B 153 -2.70 2.05 -4.07
C ASP B 153 -2.37 3.51 -3.74
N ILE B 154 -3.38 4.29 -3.35
CA ILE B 154 -3.20 5.70 -3.03
C ILE B 154 -2.95 5.83 -1.53
N CYS B 155 -1.82 6.45 -1.18
N CYS B 155 -1.81 6.43 -1.17
CA CYS B 155 -1.37 6.54 0.20
CA CYS B 155 -1.37 6.54 0.21
C CYS B 155 -1.56 7.96 0.71
C CYS B 155 -1.55 7.95 0.73
N TRP B 156 -2.33 8.10 1.79
CA TRP B 156 -2.46 9.36 2.49
C TRP B 156 -1.39 9.39 3.56
N ILE B 157 -0.37 10.21 3.36
CA ILE B 157 0.78 10.30 4.27
C ILE B 157 0.55 11.48 5.19
N LYS B 158 0.59 11.24 6.50
CA LYS B 158 0.24 12.24 7.49
C LYS B 158 1.50 12.83 8.11
N THR B 159 1.67 14.16 7.99
CA THR B 159 2.75 14.86 8.67
C THR B 159 2.35 15.21 10.12
N ASN B 160 3.36 15.46 10.95
CA ASN B 160 3.14 15.87 12.34
C ASN B 160 3.96 17.11 12.68
N LYS B 161 4.00 18.07 11.74
CA LYS B 161 4.78 19.29 11.92
C LYS B 161 4.33 20.10 13.12
N ASN B 162 3.09 19.95 13.55
CA ASN B 162 2.54 20.72 14.65
C ASN B 162 2.54 19.97 15.98
N ASN B 163 3.10 18.78 16.02
CA ASN B 163 3.23 18.08 17.30
C ASN B 163 4.23 16.94 17.20
N PRO B 164 5.53 17.21 16.97
CA PRO B 164 6.56 16.18 16.94
C PRO B 164 6.56 15.27 18.16
N LYS B 168 3.11 8.18 19.79
CA LYS B 168 2.02 7.41 19.18
C LYS B 168 1.78 6.07 19.89
N THR B 169 0.51 5.77 20.18
CA THR B 169 0.17 4.44 20.68
C THR B 169 0.20 3.44 19.53
N LEU B 170 0.41 2.16 19.85
CA LEU B 170 0.70 1.14 18.86
C LEU B 170 -0.32 0.01 18.88
N ASP B 171 -0.84 -0.36 17.70
CA ASP B 171 -1.56 -1.61 17.52
C ASP B 171 -0.64 -2.77 17.94
N PRO B 172 -1.15 -3.77 18.68
CA PRO B 172 -0.26 -4.84 19.18
C PRO B 172 0.65 -5.48 18.15
N LYS B 173 0.16 -5.71 16.92
CA LYS B 173 0.97 -6.39 15.91
C LYS B 173 1.92 -5.45 15.19
N ALA B 174 1.76 -4.14 15.37
CA ALA B 174 2.57 -3.19 14.63
C ALA B 174 4.06 -3.35 14.97
N VAL B 175 4.88 -3.17 13.96
CA VAL B 175 6.32 -3.17 14.09
C VAL B 175 6.86 -1.75 14.04
N PHE B 176 6.13 -0.85 13.37
CA PHE B 176 6.55 0.52 13.16
C PHE B 176 5.41 1.44 13.54
N GLN B 177 5.73 2.72 13.72
CA GLN B 177 4.70 3.72 13.93
C GLN B 177 3.96 3.92 12.63
N ARG B 178 2.63 3.89 12.70
CA ARG B 178 1.79 3.96 11.52
C ARG B 178 1.39 5.41 11.27
N THR B 179 1.86 5.96 10.15
CA THR B 179 1.70 7.39 9.88
C THR B 179 1.01 7.64 8.54
N LYS B 180 0.28 6.65 8.02
CA LYS B 180 -0.37 6.79 6.73
C LYS B 180 -1.63 5.93 6.70
N GLU B 181 -2.48 6.20 5.71
CA GLU B 181 -3.65 5.38 5.42
C GLU B 181 -3.64 5.10 3.92
N HIS B 182 -4.24 3.97 3.53
CA HIS B 182 -4.29 3.56 2.12
C HIS B 182 -5.72 3.59 1.62
N CYS B 183 -5.88 4.09 0.38
CA CYS B 183 -7.15 4.07 -0.36
C CYS B 183 -6.88 3.28 -1.62
N LEU B 184 -7.46 2.07 -1.72
CA LEU B 184 -7.25 1.19 -2.87
C LEU B 184 -8.22 1.53 -3.98
N MET B 185 -7.70 1.62 -5.21
CA MET B 185 -8.53 1.84 -6.39
C MET B 185 -8.68 0.52 -7.15
N GLY B 186 -9.94 0.12 -7.36
CA GLY B 186 -10.25 -1.09 -8.10
C GLY B 186 -10.99 -0.77 -9.39
N ILE B 187 -10.80 -1.63 -10.39
CA ILE B 187 -11.46 -1.51 -11.68
C ILE B 187 -12.17 -2.82 -11.99
N LYS B 188 -13.36 -2.72 -12.56
CA LYS B 188 -14.01 -3.88 -13.15
C LYS B 188 -14.43 -3.53 -14.56
N GLY B 189 -14.32 -4.49 -15.46
CA GLY B 189 -14.63 -4.21 -16.84
C GLY B 189 -13.42 -3.78 -17.64
N THR B 190 -13.69 -3.38 -18.89
CA THR B 190 -12.65 -3.05 -19.84
C THR B 190 -11.82 -1.84 -19.42
N VAL B 204 -2.35 13.18 -14.44
CA VAL B 204 -1.87 14.43 -13.89
C VAL B 204 -1.51 14.30 -12.40
N ASP B 205 -2.09 13.29 -11.74
CA ASP B 205 -1.97 13.15 -10.30
C ASP B 205 -0.99 12.03 -9.93
N ILE B 206 -0.57 12.06 -8.66
CA ILE B 206 0.35 11.11 -8.07
C ILE B 206 -0.46 10.26 -7.10
N ASP B 207 0.08 9.09 -6.73
CA ASP B 207 -0.61 8.21 -5.81
C ASP B 207 -0.31 8.54 -4.35
N LEU B 208 -0.12 9.83 -4.04
CA LEU B 208 0.20 10.26 -2.68
C LEU B 208 -0.59 11.51 -2.35
N ILE B 209 -1.11 11.56 -1.13
CA ILE B 209 -1.72 12.75 -0.55
C ILE B 209 -0.99 13.03 0.76
N ILE B 210 -0.49 14.25 0.93
CA ILE B 210 0.28 14.61 2.10
C ILE B 210 -0.43 15.75 2.81
N THR B 211 -0.92 15.49 4.03
CA THR B 211 -1.51 16.53 4.85
C THR B 211 -1.09 16.31 6.30
N GLU B 212 -1.34 17.30 7.13
CA GLU B 212 -1.07 17.17 8.55
C GLU B 212 -2.05 16.17 9.17
N GLU B 213 -1.53 15.36 10.08
CA GLU B 213 -2.39 14.44 10.82
C GLU B 213 -3.52 15.22 11.50
N PRO B 214 -4.78 14.87 11.25
CA PRO B 214 -5.87 15.64 11.85
C PRO B 214 -5.91 15.50 13.37
N GLU B 215 -6.64 16.40 14.01
CA GLU B 215 -6.79 16.36 15.45
C GLU B 215 -7.44 15.05 15.86
N ILE B 216 -7.15 14.60 17.09
CA ILE B 216 -7.67 13.32 17.55
C ILE B 216 -9.19 13.31 17.45
N GLY B 217 -9.75 12.15 17.11
CA GLY B 217 -11.19 12.04 16.94
C GLY B 217 -11.76 12.60 15.66
N ASN B 218 -10.98 13.37 14.89
CA ASN B 218 -11.43 13.81 13.57
C ASN B 218 -11.15 12.67 12.61
N ILE B 219 -12.23 12.09 12.07
CA ILE B 219 -12.09 10.91 11.20
C ILE B 219 -12.12 11.26 9.73
N GLU B 220 -12.20 12.54 9.38
CA GLU B 220 -12.35 12.92 7.98
C GLU B 220 -11.13 12.51 7.17
N LYS B 221 -11.37 12.08 5.94
CA LYS B 221 -10.29 11.83 4.98
C LYS B 221 -10.04 13.08 4.17
N PRO B 222 -8.85 13.23 3.60
CA PRO B 222 -8.55 14.47 2.87
C PRO B 222 -9.43 14.62 1.64
N VAL B 223 -10.00 15.82 1.48
CA VAL B 223 -10.84 16.13 0.33
C VAL B 223 -10.08 15.96 -0.97
N GLU B 224 -8.75 15.94 -0.92
CA GLU B 224 -7.96 15.70 -2.14
C GLU B 224 -8.31 14.40 -2.83
N ILE B 225 -8.83 13.41 -2.11
CA ILE B 225 -9.23 12.17 -2.77
C ILE B 225 -10.29 12.45 -3.85
N PHE B 226 -11.19 13.41 -3.59
CA PHE B 226 -12.22 13.73 -4.60
C PHE B 226 -11.59 14.33 -5.84
N HIS B 227 -10.59 15.19 -5.66
CA HIS B 227 -9.91 15.79 -6.80
C HIS B 227 -9.30 14.71 -7.68
N ILE B 228 -8.53 13.80 -7.06
CA ILE B 228 -7.94 12.68 -7.80
C ILE B 228 -9.01 11.91 -8.57
N ILE B 229 -10.08 11.51 -7.88
CA ILE B 229 -11.12 10.70 -8.51
C ILE B 229 -11.75 11.46 -9.69
N GLU B 230 -12.15 12.71 -9.46
CA GLU B 230 -12.81 13.48 -10.51
C GLU B 230 -11.89 13.76 -11.69
N HIS B 231 -10.59 13.91 -11.46
CA HIS B 231 -9.65 14.12 -12.56
C HIS B 231 -9.49 12.88 -13.43
N PHE B 232 -9.87 11.71 -12.95
CA PHE B 232 -9.81 10.52 -13.81
C PHE B 232 -10.85 10.56 -14.93
N CYS B 233 -11.91 11.36 -14.80
CA CYS B 233 -12.96 11.47 -15.83
C CYS B 233 -13.59 10.10 -16.11
N LEU B 234 -14.14 9.49 -15.06
CA LEU B 234 -14.63 8.11 -15.09
C LEU B 234 -16.12 7.98 -15.37
N GLY B 235 -16.85 9.09 -15.50
CA GLY B 235 -18.30 8.99 -15.54
C GLY B 235 -18.93 9.82 -14.45
N ARG B 236 -20.21 10.09 -14.58
CA ARG B 236 -20.86 11.07 -13.72
C ARG B 236 -21.70 10.45 -12.60
N ARG B 237 -21.94 9.14 -12.63
CA ARG B 237 -22.70 8.49 -11.57
CA ARG B 237 -22.69 8.47 -11.58
C ARG B 237 -21.71 8.11 -10.48
N ARG B 238 -21.60 8.97 -9.47
CA ARG B 238 -20.58 8.83 -8.43
C ARG B 238 -21.27 8.68 -7.09
N LEU B 239 -20.88 7.66 -6.34
CA LEU B 239 -21.52 7.32 -5.06
C LEU B 239 -20.49 7.35 -3.94
N HIS B 240 -20.85 7.97 -2.81
CA HIS B 240 -19.99 8.01 -1.62
C HIS B 240 -20.76 7.34 -0.50
N LEU B 241 -20.37 6.13 -0.15
CA LEU B 241 -20.99 5.38 0.93
C LEU B 241 -20.27 5.70 2.23
N PHE B 242 -21.05 5.92 3.30
CA PHE B 242 -20.57 6.39 4.59
C PHE B 242 -20.01 7.81 4.52
N GLY B 243 -20.51 8.61 3.58
CA GLY B 243 -20.31 10.04 3.66
C GLY B 243 -21.09 10.66 4.82
N ARG B 244 -20.92 11.98 4.98
CA ARG B 244 -21.48 12.72 6.11
C ARG B 244 -22.01 14.07 5.61
N ASP B 245 -22.74 14.80 6.45
CA ASP B 245 -23.13 16.17 6.07
C ASP B 245 -21.93 16.95 5.55
N SER B 246 -20.79 16.80 6.23
CA SER B 246 -19.57 17.54 5.89
C SER B 246 -18.90 17.09 4.61
N THR B 247 -19.28 15.99 3.98
CA THR B 247 -18.60 15.60 2.76
C THR B 247 -19.45 15.78 1.52
N ILE B 248 -20.69 16.24 1.67
CA ILE B 248 -21.59 16.35 0.53
C ILE B 248 -21.01 17.30 -0.50
N ARG B 249 -21.19 16.98 -1.77
CA ARG B 249 -20.37 17.60 -2.78
C ARG B 249 -21.09 17.55 -4.12
N PRO B 250 -21.02 18.61 -4.94
CA PRO B 250 -21.63 18.54 -6.27
C PRO B 250 -21.02 17.40 -7.06
N GLY B 251 -21.83 16.81 -7.92
CA GLY B 251 -21.37 15.70 -8.70
C GLY B 251 -21.43 14.35 -8.00
N TRP B 252 -21.87 14.30 -6.75
CA TRP B 252 -21.83 13.09 -5.96
C TRP B 252 -23.18 12.84 -5.32
N LEU B 253 -23.53 11.55 -5.21
CA LEU B 253 -24.59 11.07 -4.33
C LEU B 253 -23.95 10.51 -3.06
N THR B 254 -24.34 11.06 -1.91
CA THR B 254 -23.77 10.68 -0.62
C THR B 254 -24.81 9.90 0.17
N VAL B 255 -24.42 8.71 0.65
CA VAL B 255 -25.33 7.86 1.42
C VAL B 255 -24.63 7.45 2.71
N GLY B 256 -25.28 7.71 3.85
CA GLY B 256 -24.66 7.44 5.11
C GLY B 256 -25.62 7.52 6.27
N PRO B 257 -25.27 6.83 7.37
CA PRO B 257 -26.17 6.82 8.54
C PRO B 257 -26.29 8.14 9.26
N THR B 258 -25.28 9.00 9.25
CA THR B 258 -25.31 10.19 10.10
C THR B 258 -25.84 11.42 9.38
N LEU B 259 -26.25 11.29 8.12
CA LEU B 259 -26.78 12.44 7.41
C LEU B 259 -28.01 12.96 8.13
N THR B 260 -28.12 14.28 8.25
CA THR B 260 -29.27 14.83 8.96
C THR B 260 -30.44 15.11 8.05
N ASN B 261 -30.21 15.19 6.74
CA ASN B 261 -31.24 15.47 5.76
C ASN B 261 -31.02 14.59 4.55
N SER B 262 -32.10 14.38 3.79
CA SER B 262 -32.02 13.70 2.49
C SER B 262 -32.72 14.52 1.42
N ASN B 263 -32.26 14.38 0.19
CA ASN B 263 -33.00 14.89 -0.95
C ASN B 263 -33.04 13.86 -2.07
N TYR B 264 -32.63 12.61 -1.81
CA TYR B 264 -32.48 11.62 -2.87
C TYR B 264 -33.84 11.23 -3.41
N ASN B 265 -33.95 11.17 -4.73
CA ASN B 265 -35.09 10.58 -5.42
C ASN B 265 -34.55 9.83 -6.62
N ALA B 266 -34.82 8.53 -6.66
CA ALA B 266 -34.17 7.68 -7.66
C ALA B 266 -34.56 8.11 -9.07
N GLU B 267 -35.81 8.52 -9.26
CA GLU B 267 -36.22 8.97 -10.58
C GLU B 267 -35.54 10.29 -10.94
N THR B 268 -35.59 11.28 -10.05
CA THR B 268 -34.86 12.53 -10.28
C THR B 268 -33.38 12.27 -10.54
N TYR B 269 -32.77 11.38 -9.75
CA TYR B 269 -31.35 11.11 -9.95
C TYR B 269 -31.08 10.52 -11.33
N ALA B 270 -31.82 9.47 -11.69
CA ALA B 270 -31.68 8.86 -13.01
C ALA B 270 -31.82 9.89 -14.14
N SER B 271 -32.70 10.88 -13.95
CA SER B 271 -32.93 11.87 -15.01
C SER B 271 -31.70 12.71 -15.30
N TYR B 272 -30.73 12.79 -14.40
CA TYR B 272 -29.50 13.51 -14.71
C TYR B 272 -28.65 12.81 -15.76
N PHE B 273 -28.88 11.51 -15.97
CA PHE B 273 -28.04 10.72 -16.87
C PHE B 273 -28.82 10.14 -18.04
N SER B 274 -30.09 10.48 -18.19
CA SER B 274 -30.81 10.00 -19.37
C SER B 274 -30.30 10.76 -20.59
N ALA B 275 -30.54 10.18 -21.77
CA ALA B 275 -30.04 10.71 -23.02
C ALA B 275 -30.41 12.17 -23.15
N PRO B 276 -29.57 12.99 -23.80
CA PRO B 276 -28.31 12.58 -24.44
C PRO B 276 -27.07 12.51 -23.51
N ASN B 277 -27.25 12.30 -22.20
CA ASN B 277 -26.17 12.50 -21.23
C ASN B 277 -25.60 11.21 -20.64
N SER B 278 -25.88 10.06 -21.26
CA SER B 278 -25.69 8.77 -20.58
C SER B 278 -24.23 8.37 -20.44
N TYR B 279 -23.36 8.76 -21.36
CA TYR B 279 -21.97 8.26 -21.35
C TYR B 279 -20.95 9.38 -21.20
N LEU B 280 -21.35 10.55 -20.71
CA LEU B 280 -20.38 11.63 -20.51
C LEU B 280 -19.35 11.22 -19.46
N THR B 281 -18.12 11.67 -19.66
CA THR B 281 -17.04 11.35 -18.73
C THR B 281 -17.05 12.23 -17.50
N GLY B 282 -17.80 13.33 -17.51
CA GLY B 282 -17.67 14.32 -16.47
C GLY B 282 -16.56 15.31 -16.70
N CYS B 283 -15.86 15.23 -17.84
CA CYS B 283 -14.79 16.15 -18.17
C CYS B 283 -15.00 16.80 -19.53
N THR B 284 -16.19 16.71 -20.09
CA THR B 284 -16.49 17.34 -21.37
C THR B 284 -17.55 18.42 -21.19
N GLU B 285 -17.86 19.11 -22.28
CA GLU B 285 -18.88 20.14 -22.22
C GLU B 285 -20.28 19.54 -22.12
N GLU B 286 -21.20 20.29 -21.52
CA GLU B 286 -22.59 19.88 -21.50
C GLU B 286 -23.18 19.96 -22.91
N ILE B 287 -24.07 19.02 -23.22
CA ILE B 287 -24.66 18.94 -24.55
C ILE B 287 -25.82 19.92 -24.65
N GLU B 288 -25.79 20.78 -25.67
CA GLU B 288 -26.77 21.87 -25.84
C GLU B 288 -28.22 21.37 -25.89
#